data_4JGX
#
_entry.id   4JGX
#
_cell.length_a   67.350
_cell.length_b   67.350
_cell.length_c   117.020
_cell.angle_alpha   90.00
_cell.angle_beta   90.00
_cell.angle_gamma   120.00
#
_symmetry.space_group_name_H-M   'P 31 2 1'
#
loop_
_entity.id
_entity.type
_entity.pdbx_description
1 polymer 'Fatty acid-binding protein'
2 non-polymer 'CITRIC ACID'
3 non-polymer 'PALMITIC ACID'
4 water water
#
_entity_poly.entity_id   1
_entity_poly.type   'polypeptide(L)'
_entity_poly.pdbx_seq_one_letter_code
;MSLKVDGFTSSIIFDVIRDGLNDPSQAKQKAESIKKANAIIVFNLKNKAGKTESWYLDLKNDGDVGKGNKSPKGDADIQL
TLSDDHFQQLVEGKANAQRLFMTGKLKVKGNVMKAAAIEGILKNAQNNL
;
_entity_poly.pdbx_strand_id   A,B
#
loop_
_chem_comp.id
_chem_comp.type
_chem_comp.name
_chem_comp.formula
CIT non-polymer 'CITRIC ACID' 'C6 H8 O7'
PLM non-polymer 'PALMITIC ACID' 'C16 H32 O2'
#
# COMPACT_ATOMS: atom_id res chain seq x y z
N SER A 2 -12.90 -27.80 -0.60
CA SER A 2 -11.59 -27.14 -0.42
C SER A 2 -11.48 -25.89 -1.32
N LEU A 3 -10.67 -24.95 -0.87
CA LEU A 3 -10.49 -23.68 -1.56
C LEU A 3 -9.58 -23.79 -2.76
N LYS A 4 -8.69 -24.78 -2.73
CA LYS A 4 -7.72 -24.91 -3.82
C LYS A 4 -8.46 -25.31 -5.10
N VAL A 5 -7.86 -24.98 -6.23
CA VAL A 5 -8.44 -25.25 -7.53
C VAL A 5 -7.39 -25.97 -8.39
N ASP A 6 -7.82 -26.95 -9.18
CA ASP A 6 -6.95 -27.62 -10.16
C ASP A 6 -6.31 -26.63 -11.09
N GLY A 7 -5.04 -26.85 -11.40
CA GLY A 7 -4.27 -25.94 -12.28
C GLY A 7 -3.73 -24.72 -11.54
N PHE A 8 -3.99 -24.64 -10.24
CA PHE A 8 -3.36 -23.63 -9.39
C PHE A 8 -2.68 -24.34 -8.23
N THR A 9 -1.43 -24.73 -8.48
CA THR A 9 -0.64 -25.53 -7.54
C THR A 9 -0.46 -24.81 -6.20
N SER A 10 -0.38 -23.47 -6.25
CA SER A 10 -0.22 -22.69 -5.04
C SER A 10 -1.50 -22.60 -4.20
N SER A 11 -2.66 -22.92 -4.79
CA SER A 11 -3.95 -22.58 -4.13
C SER A 11 -4.28 -23.38 -2.84
N ILE A 12 -3.57 -24.46 -2.60
CA ILE A 12 -3.65 -25.16 -1.32
C ILE A 12 -3.37 -24.22 -0.13
N ILE A 13 -2.52 -23.21 -0.34
CA ILE A 13 -2.22 -22.26 0.74
C ILE A 13 -3.51 -21.64 1.29
N PHE A 14 -4.52 -21.50 0.44
CA PHE A 14 -5.78 -20.92 0.93
C PHE A 14 -6.49 -21.83 1.94
N ASP A 15 -6.49 -23.13 1.67
CA ASP A 15 -6.97 -24.11 2.64
C ASP A 15 -6.14 -24.10 3.91
N VAL A 16 -4.83 -24.05 3.75
CA VAL A 16 -3.86 -23.94 4.86
C VAL A 16 -4.10 -22.68 5.73
N ILE A 17 -4.21 -21.53 5.08
CA ILE A 17 -4.45 -20.25 5.75
C ILE A 17 -5.78 -20.30 6.51
N ARG A 18 -6.85 -20.74 5.85
CA ARG A 18 -8.13 -20.94 6.51
C ARG A 18 -8.03 -21.82 7.77
N ASP A 19 -7.42 -22.99 7.68
CA ASP A 19 -7.33 -23.86 8.86
C ASP A 19 -6.50 -23.20 9.97
N GLY A 20 -5.35 -22.65 9.60
CA GLY A 20 -4.45 -22.01 10.56
C GLY A 20 -5.05 -20.78 11.21
N LEU A 21 -5.74 -19.98 10.43
CA LEU A 21 -6.41 -18.81 10.96
C LEU A 21 -7.56 -19.17 11.89
N ASN A 22 -8.35 -20.19 11.50
CA ASN A 22 -9.53 -20.59 12.25
C ASN A 22 -9.26 -21.52 13.43
N ASP A 23 -8.04 -22.05 13.52
CA ASP A 23 -7.69 -22.93 14.63
C ASP A 23 -8.09 -22.21 15.92
N PRO A 24 -8.92 -22.85 16.77
CA PRO A 24 -9.31 -22.25 18.05
C PRO A 24 -8.12 -21.83 18.90
N SER A 25 -6.99 -22.51 18.73
CA SER A 25 -5.74 -22.14 19.42
C SER A 25 -5.18 -20.79 18.99
N GLN A 26 -5.58 -20.33 17.81
CA GLN A 26 -5.07 -19.09 17.27
C GLN A 26 -6.09 -17.96 17.42
N ALA A 27 -6.94 -18.05 18.44
CA ALA A 27 -8.02 -17.09 18.60
C ALA A 27 -7.52 -15.68 18.87
N LYS A 28 -6.52 -15.56 19.75
CA LYS A 28 -5.92 -14.28 20.08
C LYS A 28 -5.27 -13.62 18.84
N GLN A 29 -4.46 -14.42 18.13
CA GLN A 29 -3.73 -13.99 16.93
C GLN A 29 -4.68 -13.57 15.82
N LYS A 30 -5.65 -14.43 15.51
CA LYS A 30 -6.71 -14.06 14.59
C LYS A 30 -7.30 -12.67 14.94
N ALA A 31 -7.69 -12.47 16.21
CA ALA A 31 -8.25 -11.18 16.66
C ALA A 31 -7.31 -10.00 16.44
N GLU A 32 -6.03 -10.19 16.74
CA GLU A 32 -5.03 -9.13 16.57
C GLU A 32 -4.84 -8.79 15.11
N SER A 33 -4.68 -9.81 14.27
CA SER A 33 -4.57 -9.64 12.82
C SER A 33 -5.72 -8.83 12.23
N ILE A 34 -6.94 -9.09 12.70
CA ILE A 34 -8.10 -8.36 12.21
C ILE A 34 -8.04 -6.90 12.73
N LYS A 35 -7.75 -6.76 14.02
CA LYS A 35 -7.57 -5.44 14.64
C LYS A 35 -6.54 -4.61 13.86
N LYS A 36 -5.33 -5.17 13.72
CA LYS A 36 -4.21 -4.55 13.00
C LYS A 36 -4.45 -4.32 11.49
N ALA A 37 -4.80 -5.36 10.73
CA ALA A 37 -4.98 -5.21 9.27
C ALA A 37 -6.23 -4.40 8.90
N ASN A 38 -7.37 -4.71 9.52
CA ASN A 38 -8.63 -4.04 9.19
C ASN A 38 -8.89 -3.95 7.67
N ALA A 39 -8.65 -5.05 6.95
CA ALA A 39 -8.60 -5.02 5.50
C ALA A 39 -9.06 -6.34 4.89
N ILE A 40 -9.77 -6.24 3.77
CA ILE A 40 -10.10 -7.38 2.93
C ILE A 40 -9.09 -7.40 1.76
N ILE A 41 -8.37 -8.52 1.64
CA ILE A 41 -7.33 -8.69 0.63
C ILE A 41 -7.80 -9.73 -0.39
N VAL A 42 -7.81 -9.35 -1.66
CA VAL A 42 -8.10 -10.30 -2.73
C VAL A 42 -6.79 -10.70 -3.42
N PHE A 43 -6.63 -12.00 -3.64
CA PHE A 43 -5.53 -12.55 -4.42
C PHE A 43 -6.07 -12.96 -5.78
N ASN A 44 -5.56 -12.36 -6.86
CA ASN A 44 -5.86 -12.80 -8.23
C ASN A 44 -4.65 -13.54 -8.73
N LEU A 45 -4.80 -14.83 -8.94
CA LEU A 45 -3.72 -15.66 -9.44
C LEU A 45 -3.92 -15.94 -10.93
N LYS A 46 -2.80 -15.95 -11.66
CA LYS A 46 -2.75 -16.29 -13.08
C LYS A 46 -1.82 -17.50 -13.30
N ASN A 47 -2.21 -18.40 -14.19
CA ASN A 47 -1.35 -19.52 -14.49
C ASN A 47 -0.89 -19.54 -15.95
N LYS A 48 0.03 -20.44 -16.24
CA LYS A 48 0.61 -20.59 -17.58
C LYS A 48 -0.42 -20.97 -18.64
N ALA A 49 -1.54 -21.53 -18.24
CA ALA A 49 -2.63 -21.82 -19.18
C ALA A 49 -3.46 -20.59 -19.55
N GLY A 50 -3.17 -19.44 -18.95
CA GLY A 50 -3.91 -18.22 -19.27
C GLY A 50 -5.18 -18.00 -18.43
N LYS A 51 -5.32 -18.75 -17.34
CA LYS A 51 -6.52 -18.66 -16.48
C LYS A 51 -6.34 -17.76 -15.26
N THR A 52 -7.45 -17.22 -14.77
CA THR A 52 -7.44 -16.38 -13.56
C THR A 52 -8.39 -16.95 -12.53
N GLU A 53 -7.91 -17.07 -11.29
CA GLU A 53 -8.76 -17.41 -10.15
C GLU A 53 -8.44 -16.48 -8.99
N SER A 54 -9.48 -16.12 -8.22
CA SER A 54 -9.37 -15.21 -7.09
C SER A 54 -9.84 -15.88 -5.80
N TRP A 55 -9.29 -15.40 -4.69
CA TRP A 55 -9.62 -15.80 -3.32
C TRP A 55 -9.63 -14.53 -2.52
N TYR A 56 -10.35 -14.52 -1.41
CA TYR A 56 -10.31 -13.35 -0.52
C TYR A 56 -9.91 -13.79 0.87
N LEU A 57 -9.23 -12.89 1.56
CA LEU A 57 -8.87 -13.05 2.95
C LEU A 57 -9.40 -11.81 3.65
N ASP A 58 -10.40 -12.01 4.49
CA ASP A 58 -11.11 -10.94 5.15
C ASP A 58 -10.50 -10.73 6.53
N LEU A 59 -9.61 -9.76 6.66
CA LEU A 59 -9.02 -9.45 7.95
C LEU A 59 -9.59 -8.14 8.49
N LYS A 60 -10.86 -7.89 8.16
CA LYS A 60 -11.58 -6.71 8.63
C LYS A 60 -12.77 -7.11 9.51
N ASN A 61 -13.54 -8.09 9.03
CA ASN A 61 -14.70 -8.60 9.76
C ASN A 61 -14.35 -9.78 10.67
N ASP A 62 -14.69 -11.00 10.24
CA ASP A 62 -14.57 -12.16 11.12
C ASP A 62 -13.32 -13.01 10.91
N GLY A 63 -12.59 -12.77 9.82
CA GLY A 63 -11.34 -13.50 9.58
C GLY A 63 -11.44 -14.66 8.62
N ASP A 64 -12.44 -14.63 7.74
CA ASP A 64 -12.67 -15.72 6.81
C ASP A 64 -11.71 -15.71 5.62
N VAL A 65 -11.41 -16.91 5.13
CA VAL A 65 -10.75 -17.11 3.84
C VAL A 65 -11.77 -17.79 2.92
N GLY A 66 -11.95 -17.28 1.72
CA GLY A 66 -12.88 -17.90 0.76
C GLY A 66 -12.49 -17.75 -0.72
N LYS A 67 -13.25 -18.43 -1.57
CA LYS A 67 -13.06 -18.42 -3.02
C LYS A 67 -13.76 -17.20 -3.57
N GLY A 68 -13.18 -16.55 -4.57
CA GLY A 68 -13.81 -15.41 -5.24
C GLY A 68 -13.10 -14.07 -5.05
N ASN A 69 -13.50 -13.09 -5.85
CA ASN A 69 -12.87 -11.77 -5.84
C ASN A 69 -13.52 -10.72 -4.92
N LYS A 70 -14.50 -11.14 -4.12
CA LYS A 70 -15.17 -10.27 -3.13
C LYS A 70 -15.43 -11.09 -1.88
N SER A 71 -15.28 -10.48 -0.72
CA SER A 71 -15.79 -11.09 0.51
C SER A 71 -17.31 -10.96 0.49
N PRO A 72 -18.03 -11.91 1.11
CA PRO A 72 -19.47 -11.65 1.20
C PRO A 72 -19.77 -10.41 2.08
N LYS A 73 -18.96 -10.19 3.12
CA LYS A 73 -19.18 -9.13 4.09
C LYS A 73 -18.55 -7.78 3.69
N GLY A 74 -18.33 -7.57 2.40
CA GLY A 74 -17.77 -6.29 1.92
C GLY A 74 -16.77 -6.36 0.77
N ASP A 75 -16.47 -5.20 0.19
CA ASP A 75 -15.54 -5.10 -0.93
C ASP A 75 -14.08 -5.24 -0.51
N ALA A 76 -13.20 -5.44 -1.47
CA ALA A 76 -11.78 -5.60 -1.17
C ALA A 76 -11.14 -4.24 -0.89
N ASP A 77 -10.23 -4.20 0.08
CA ASP A 77 -9.42 -3.00 0.31
C ASP A 77 -8.15 -2.97 -0.53
N ILE A 78 -7.66 -4.16 -0.87
CA ILE A 78 -6.39 -4.27 -1.54
C ILE A 78 -6.42 -5.53 -2.40
N GLN A 79 -5.75 -5.46 -3.54
CA GLN A 79 -5.74 -6.58 -4.46
C GLN A 79 -4.33 -6.90 -4.95
N LEU A 80 -3.95 -8.17 -4.84
CA LEU A 80 -2.64 -8.61 -5.23
C LEU A 80 -2.78 -9.55 -6.42
N THR A 81 -2.06 -9.25 -7.50
CA THR A 81 -2.11 -10.10 -8.67
C THR A 81 -0.74 -10.70 -8.92
N LEU A 82 -0.71 -12.01 -9.07
CA LEU A 82 0.53 -12.67 -9.47
C LEU A 82 0.31 -14.03 -10.08
N SER A 83 1.39 -14.62 -10.58
CA SER A 83 1.32 -15.93 -11.19
C SER A 83 1.25 -16.99 -10.09
N ASP A 84 0.65 -18.12 -10.43
CA ASP A 84 0.55 -19.25 -9.52
C ASP A 84 1.95 -19.61 -8.97
N ASP A 85 2.89 -19.67 -9.89
CA ASP A 85 4.28 -19.94 -9.61
C ASP A 85 4.93 -19.00 -8.57
N HIS A 86 4.76 -17.69 -8.77
CA HIS A 86 5.41 -16.77 -7.86
C HIS A 86 4.74 -16.73 -6.53
N PHE A 87 3.41 -16.87 -6.52
CA PHE A 87 2.65 -16.93 -5.26
C PHE A 87 3.11 -18.11 -4.39
N GLN A 88 3.37 -19.24 -5.03
CA GLN A 88 3.89 -20.40 -4.28
C GLN A 88 5.24 -20.05 -3.68
N GLN A 89 6.14 -19.53 -4.50
CA GLN A 89 7.46 -19.09 -4.03
C GLN A 89 7.35 -18.14 -2.85
N LEU A 90 6.49 -17.13 -2.99
CA LEU A 90 6.28 -16.14 -1.96
C LEU A 90 5.85 -16.80 -0.65
N VAL A 91 4.87 -17.69 -0.74
CA VAL A 91 4.30 -18.34 0.44
C VAL A 91 5.34 -19.24 1.12
N GLU A 92 6.18 -19.90 0.33
CA GLU A 92 7.21 -20.79 0.86
C GLU A 92 8.47 -20.07 1.35
N GLY A 93 8.46 -18.73 1.32
CA GLY A 93 9.60 -17.91 1.74
C GLY A 93 10.77 -18.02 0.79
N LYS A 94 10.48 -18.32 -0.47
CA LYS A 94 11.52 -18.46 -1.51
C LYS A 94 11.67 -17.23 -2.42
N ALA A 95 10.74 -16.28 -2.29
CA ALA A 95 10.75 -15.02 -3.03
C ALA A 95 10.27 -13.93 -2.10
N ASN A 96 10.75 -12.72 -2.33
CA ASN A 96 10.46 -11.59 -1.47
C ASN A 96 9.41 -10.72 -2.13
N ALA A 97 8.40 -10.26 -1.37
CA ALA A 97 7.27 -9.52 -1.94
C ALA A 97 7.68 -8.19 -2.60
N GLN A 98 8.56 -7.45 -1.94
CA GLN A 98 9.07 -6.20 -2.51
C GLN A 98 9.83 -6.41 -3.82
N ARG A 99 10.64 -7.48 -3.87
CA ARG A 99 11.38 -7.85 -5.08
C ARG A 99 10.43 -8.24 -6.21
N LEU A 100 9.42 -9.06 -5.91
CA LEU A 100 8.41 -9.41 -6.92
C LEU A 100 7.70 -8.17 -7.42
N PHE A 101 7.43 -7.23 -6.52
CA PHE A 101 6.75 -6.00 -6.90
C PHE A 101 7.65 -5.10 -7.78
N MET A 102 8.92 -4.97 -7.44
CA MET A 102 9.85 -4.16 -8.23
C MET A 102 10.09 -4.74 -9.65
N THR A 103 9.97 -6.05 -9.81
CA THR A 103 10.24 -6.68 -11.09
C THR A 103 8.95 -6.92 -11.88
N GLY A 104 7.84 -6.43 -11.35
CA GLY A 104 6.57 -6.49 -12.04
C GLY A 104 5.85 -7.82 -11.95
N LYS A 105 6.38 -8.75 -11.16
CA LYS A 105 5.76 -10.07 -10.98
C LYS A 105 4.54 -9.97 -10.04
N LEU A 106 4.52 -8.93 -9.21
CA LEU A 106 3.42 -8.71 -8.29
C LEU A 106 2.82 -7.34 -8.51
N LYS A 107 1.51 -7.31 -8.74
CA LYS A 107 0.78 -6.07 -8.99
C LYS A 107 -0.15 -5.81 -7.84
N VAL A 108 -0.16 -4.56 -7.41
CA VAL A 108 -0.91 -4.13 -6.24
C VAL A 108 -1.86 -3.03 -6.65
N LYS A 109 -3.11 -3.14 -6.21
CA LYS A 109 -4.13 -2.13 -6.42
C LYS A 109 -4.82 -1.91 -5.09
N GLY A 110 -5.26 -0.67 -4.85
CA GLY A 110 -6.08 -0.40 -3.71
C GLY A 110 -5.41 0.54 -2.74
N ASN A 111 -5.82 0.41 -1.48
CA ASN A 111 -5.47 1.34 -0.43
C ASN A 111 -4.01 1.18 0.02
N VAL A 112 -3.20 2.21 -0.25
CA VAL A 112 -1.77 2.20 0.10
C VAL A 112 -1.55 1.96 1.60
N MET A 113 -2.35 2.60 2.44
CA MET A 113 -2.32 2.36 3.89
C MET A 113 -2.46 0.87 4.24
N LYS A 114 -3.49 0.23 3.67
CA LYS A 114 -3.73 -1.19 3.93
C LYS A 114 -2.59 -2.02 3.41
N ALA A 115 -2.10 -1.70 2.21
CA ALA A 115 -0.98 -2.40 1.60
C ALA A 115 0.23 -2.40 2.53
N ALA A 116 0.57 -1.20 3.04
CA ALA A 116 1.65 -1.06 4.00
C ALA A 116 1.40 -1.89 5.25
N ALA A 117 0.22 -1.75 5.82
CA ALA A 117 -0.14 -2.39 7.08
C ALA A 117 -0.05 -3.92 7.01
N ILE A 118 -0.48 -4.50 5.88
CA ILE A 118 -0.53 -5.95 5.77
C ILE A 118 0.85 -6.59 5.63
N GLU A 119 1.77 -5.86 4.98
CA GLU A 119 3.13 -6.34 4.82
C GLU A 119 3.91 -6.27 6.15
N GLY A 120 3.72 -7.29 7.00
CA GLY A 120 4.40 -7.35 8.30
C GLY A 120 3.81 -8.38 9.24
N SER B 2 11.23 1.31 -7.86
CA SER B 2 12.07 2.26 -8.66
C SER B 2 12.07 3.74 -8.23
N LEU B 3 11.00 4.20 -7.60
CA LEU B 3 11.13 5.37 -6.72
C LEU B 3 11.77 4.96 -5.39
N LYS B 4 11.76 3.66 -5.10
CA LYS B 4 12.44 3.10 -3.93
C LYS B 4 13.94 3.41 -3.95
N VAL B 5 14.47 3.82 -2.79
CA VAL B 5 15.91 3.98 -2.61
C VAL B 5 16.37 3.04 -1.48
N ASP B 6 17.47 2.33 -1.71
CA ASP B 6 18.06 1.45 -0.69
C ASP B 6 18.43 2.24 0.55
N GLY B 7 18.17 1.66 1.72
CA GLY B 7 18.41 2.37 2.98
C GLY B 7 17.23 3.23 3.42
N PHE B 8 16.16 3.24 2.62
CA PHE B 8 14.90 3.86 3.01
C PHE B 8 13.77 2.87 2.83
N THR B 9 13.50 2.08 3.87
CA THR B 9 12.60 0.92 3.74
C THR B 9 11.14 1.33 3.50
N SER B 10 10.79 2.56 3.85
CA SER B 10 9.45 3.04 3.57
C SER B 10 9.25 3.49 2.09
N SER B 11 10.36 3.72 1.39
CA SER B 11 10.30 4.40 0.09
C SER B 11 9.58 3.62 -1.00
N ILE B 12 9.47 2.29 -0.85
CA ILE B 12 8.72 1.45 -1.80
C ILE B 12 7.27 1.96 -1.94
N ILE B 13 6.78 2.58 -0.87
CA ILE B 13 5.47 3.20 -0.84
C ILE B 13 5.24 4.23 -1.95
N PHE B 14 6.28 4.97 -2.32
CA PHE B 14 6.14 5.96 -3.39
C PHE B 14 5.81 5.32 -4.75
N ASP B 15 6.40 4.16 -5.04
CA ASP B 15 5.99 3.41 -6.25
C ASP B 15 4.51 3.03 -6.21
N VAL B 16 4.04 2.58 -5.06
CA VAL B 16 2.66 2.15 -4.95
C VAL B 16 1.73 3.35 -5.09
N ILE B 17 2.13 4.51 -4.55
CA ILE B 17 1.35 5.73 -4.65
C ILE B 17 1.32 6.23 -6.10
N ARG B 18 2.48 6.20 -6.77
CA ARG B 18 2.54 6.61 -8.17
C ARG B 18 1.64 5.76 -9.07
N ASP B 19 1.76 4.43 -8.94
CA ASP B 19 0.88 3.51 -9.71
C ASP B 19 -0.60 3.78 -9.47
N GLY B 20 -0.98 4.03 -8.22
CA GLY B 20 -2.37 4.29 -7.87
C GLY B 20 -2.88 5.59 -8.48
N LEU B 21 -2.11 6.66 -8.30
CA LEU B 21 -2.47 8.00 -8.78
C LEU B 21 -2.46 8.11 -10.30
N ASN B 22 -1.51 7.44 -10.95
CA ASN B 22 -1.33 7.53 -12.41
C ASN B 22 -2.21 6.56 -13.20
N ASP B 23 -2.76 5.56 -12.53
CA ASP B 23 -3.71 4.65 -13.15
C ASP B 23 -4.72 5.46 -13.96
N PRO B 24 -4.82 5.20 -15.29
CA PRO B 24 -5.72 6.02 -16.09
C PRO B 24 -7.18 5.90 -15.65
N SER B 25 -7.54 4.80 -15.00
CA SER B 25 -8.87 4.66 -14.38
C SER B 25 -9.10 5.61 -13.20
N GLN B 26 -8.05 6.26 -12.74
CA GLN B 26 -8.17 7.22 -11.65
C GLN B 26 -8.26 8.66 -12.14
N ALA B 27 -8.45 8.82 -13.45
CA ALA B 27 -8.45 10.15 -14.06
C ALA B 27 -9.32 11.18 -13.33
N LYS B 28 -10.55 10.78 -12.97
CA LYS B 28 -11.49 11.68 -12.30
C LYS B 28 -11.00 12.06 -10.91
N GLN B 29 -10.62 11.04 -10.16
CA GLN B 29 -10.14 11.18 -8.78
C GLN B 29 -8.87 12.03 -8.78
N LYS B 30 -7.98 11.75 -9.72
CA LYS B 30 -6.74 12.51 -9.85
C LYS B 30 -7.06 14.00 -10.01
N ALA B 31 -7.94 14.31 -10.97
CA ALA B 31 -8.34 15.69 -11.23
C ALA B 31 -9.03 16.34 -10.02
N GLU B 32 -9.90 15.61 -9.33
CA GLU B 32 -10.56 16.16 -8.14
C GLU B 32 -9.57 16.44 -7.02
N SER B 33 -8.54 15.61 -6.91
CA SER B 33 -7.51 15.78 -5.90
C SER B 33 -6.63 16.99 -6.16
N ILE B 34 -6.23 17.19 -7.42
CA ILE B 34 -5.47 18.37 -7.80
C ILE B 34 -6.28 19.62 -7.50
N LYS B 35 -7.58 19.56 -7.80
CA LYS B 35 -8.50 20.66 -7.51
C LYS B 35 -8.53 20.97 -6.02
N LYS B 36 -8.68 19.93 -5.20
CA LYS B 36 -8.69 20.08 -3.74
C LYS B 36 -7.35 20.52 -3.14
N ALA B 37 -6.25 19.86 -3.51
CA ALA B 37 -4.94 20.12 -2.92
C ALA B 37 -4.26 21.35 -3.48
N ASN B 38 -4.29 21.49 -4.81
CA ASN B 38 -3.60 22.58 -5.50
C ASN B 38 -2.22 22.84 -4.93
N ALA B 39 -1.39 21.80 -4.91
CA ALA B 39 -0.15 21.86 -4.17
C ALA B 39 0.85 20.82 -4.64
N ILE B 40 2.11 21.22 -4.63
CA ILE B 40 3.23 20.30 -4.80
C ILE B 40 3.81 20.07 -3.42
N ILE B 41 3.88 18.80 -3.01
CA ILE B 41 4.28 18.41 -1.68
C ILE B 41 5.57 17.62 -1.80
N VAL B 42 6.60 18.03 -1.06
CA VAL B 42 7.88 17.33 -1.06
C VAL B 42 8.06 16.63 0.29
N PHE B 43 8.45 15.35 0.22
CA PHE B 43 8.73 14.54 1.39
C PHE B 43 10.24 14.42 1.49
N ASN B 44 10.82 14.87 2.60
CA ASN B 44 12.24 14.70 2.84
C ASN B 44 12.40 13.65 3.90
N LEU B 45 12.88 12.48 3.51
CA LEU B 45 13.04 11.41 4.47
C LEU B 45 14.46 11.36 5.00
N LYS B 46 14.60 11.06 6.29
CA LYS B 46 15.92 10.94 6.92
C LYS B 46 16.07 9.54 7.43
N ASN B 47 17.22 8.92 7.19
CA ASN B 47 17.41 7.61 7.78
C ASN B 47 18.45 7.63 8.88
N LYS B 48 18.62 6.48 9.53
CA LYS B 48 19.53 6.36 10.67
C LYS B 48 21.00 6.49 10.29
N ALA B 49 21.33 6.22 9.04
CA ALA B 49 22.71 6.37 8.60
C ALA B 49 23.03 7.85 8.34
N GLY B 50 22.05 8.72 8.59
CA GLY B 50 22.22 10.17 8.44
C GLY B 50 22.02 10.67 7.01
N LYS B 51 21.37 9.89 6.16
CA LYS B 51 21.11 10.31 4.78
C LYS B 51 19.76 11.00 4.60
N THR B 52 19.68 11.90 3.63
CA THR B 52 18.42 12.51 3.22
C THR B 52 18.07 12.15 1.78
N GLU B 53 16.80 11.79 1.55
CA GLU B 53 16.27 11.57 0.20
C GLU B 53 14.86 12.16 0.09
N SER B 54 14.55 12.71 -1.08
CA SER B 54 13.30 13.40 -1.27
C SER B 54 12.46 12.88 -2.43
N TRP B 55 11.15 13.00 -2.28
CA TRP B 55 10.19 12.67 -3.33
C TRP B 55 9.20 13.78 -3.40
N TYR B 56 8.61 13.96 -4.57
CA TYR B 56 7.56 14.94 -4.74
C TYR B 56 6.24 14.31 -5.17
N LEU B 57 5.18 14.98 -4.75
CA LEU B 57 3.84 14.61 -5.07
C LEU B 57 3.24 15.90 -5.64
N ASP B 58 3.00 15.88 -6.95
CA ASP B 58 2.48 17.04 -7.64
C ASP B 58 0.98 16.91 -7.75
N LEU B 59 0.27 17.54 -6.82
CA LEU B 59 -1.18 17.63 -6.90
C LEU B 59 -1.60 19.04 -7.27
N LYS B 60 -0.91 19.62 -8.25
CA LYS B 60 -1.16 21.02 -8.61
C LYS B 60 -1.28 21.19 -10.12
N ASN B 61 -0.47 20.44 -10.85
CA ASN B 61 -0.49 20.52 -12.29
C ASN B 61 -1.26 19.36 -12.91
N ASP B 62 -0.56 18.31 -13.30
CA ASP B 62 -1.20 17.21 -14.03
C ASP B 62 -1.37 15.96 -13.15
N GLY B 63 -0.68 15.94 -12.02
CA GLY B 63 -0.69 14.76 -11.16
C GLY B 63 0.52 13.95 -11.58
N ASP B 64 1.48 13.87 -10.65
CA ASP B 64 2.72 13.13 -10.82
C ASP B 64 3.30 12.81 -9.44
N VAL B 65 4.02 11.69 -9.36
CA VAL B 65 4.86 11.36 -8.21
C VAL B 65 6.26 11.01 -8.75
N GLY B 66 7.29 11.61 -8.18
CA GLY B 66 8.65 11.36 -8.64
C GLY B 66 9.71 11.58 -7.56
N LYS B 67 10.94 11.33 -7.93
CA LYS B 67 12.08 11.39 -7.04
C LYS B 67 12.63 12.80 -7.13
N GLY B 68 13.01 13.39 -5.99
CA GLY B 68 13.58 14.73 -5.97
C GLY B 68 12.88 15.67 -5.00
N ASN B 69 13.57 16.75 -4.64
CA ASN B 69 13.02 17.71 -3.69
C ASN B 69 12.25 18.83 -4.38
N LYS B 70 11.83 18.57 -5.61
CA LYS B 70 11.30 19.60 -6.51
C LYS B 70 10.53 18.93 -7.62
N SER B 71 9.31 19.35 -7.87
CA SER B 71 8.62 18.96 -9.09
C SER B 71 9.37 19.56 -10.29
N PRO B 72 9.34 18.89 -11.46
CA PRO B 72 9.83 19.52 -12.68
C PRO B 72 8.89 20.63 -13.16
N LYS B 73 7.65 20.67 -12.67
CA LYS B 73 6.72 21.74 -13.03
C LYS B 73 6.61 22.84 -11.97
N GLY B 74 7.53 22.84 -11.01
CA GLY B 74 7.55 23.90 -9.99
C GLY B 74 8.04 23.50 -8.61
N ASP B 75 8.35 24.50 -7.79
CA ASP B 75 8.82 24.28 -6.42
C ASP B 75 7.72 23.75 -5.50
N ALA B 76 8.14 23.09 -4.42
CA ALA B 76 7.24 22.62 -3.38
C ALA B 76 6.40 23.74 -2.78
N ASP B 77 5.11 23.50 -2.58
CA ASP B 77 4.32 24.35 -1.68
C ASP B 77 4.49 23.92 -0.23
N ILE B 78 4.54 22.62 -0.01
CA ILE B 78 4.67 22.06 1.32
C ILE B 78 5.87 21.12 1.34
N GLN B 79 6.66 21.22 2.40
CA GLN B 79 7.74 20.28 2.64
C GLN B 79 7.50 19.56 3.95
N LEU B 80 7.55 18.23 3.89
CA LEU B 80 7.37 17.38 5.06
C LEU B 80 8.68 16.65 5.31
N THR B 81 9.25 16.83 6.50
CA THR B 81 10.52 16.19 6.88
C THR B 81 10.35 15.29 8.09
N LEU B 82 10.68 14.01 7.95
CA LEU B 82 10.53 13.06 9.04
C LEU B 82 11.42 11.88 8.73
N SER B 83 11.56 10.97 9.67
CA SER B 83 12.44 9.84 9.46
C SER B 83 11.76 8.79 8.60
N ASP B 84 12.57 7.95 7.97
CA ASP B 84 12.09 6.78 7.25
C ASP B 84 11.11 5.98 8.13
N ASP B 85 11.54 5.67 9.35
CA ASP B 85 10.75 4.89 10.30
C ASP B 85 9.37 5.50 10.51
N HIS B 86 9.34 6.79 10.83
CA HIS B 86 8.08 7.50 11.08
C HIS B 86 7.23 7.61 9.86
N PHE B 87 7.84 7.78 8.69
CA PHE B 87 7.04 7.79 7.46
C PHE B 87 6.33 6.44 7.27
N GLN B 88 7.06 5.35 7.48
CA GLN B 88 6.47 4.03 7.45
C GLN B 88 5.28 3.98 8.41
N GLN B 89 5.52 4.32 9.68
CA GLN B 89 4.47 4.23 10.68
C GLN B 89 3.25 5.02 10.24
N LEU B 90 3.50 6.23 9.72
CA LEU B 90 2.44 7.13 9.29
C LEU B 90 1.59 6.55 8.16
N VAL B 91 2.24 5.87 7.21
CA VAL B 91 1.51 5.30 6.07
C VAL B 91 0.69 4.09 6.55
N GLU B 92 1.26 3.31 7.46
CA GLU B 92 0.56 2.21 8.11
C GLU B 92 -0.64 2.60 8.97
N GLY B 93 -0.63 3.81 9.52
CA GLY B 93 -1.61 4.24 10.51
C GLY B 93 -1.20 3.97 11.94
N LYS B 94 0.04 3.55 12.15
CA LYS B 94 0.58 3.39 13.50
C LYS B 94 0.89 4.73 14.17
N ALA B 95 1.19 5.77 13.38
CA ALA B 95 1.39 7.10 13.94
C ALA B 95 0.47 8.11 13.26
N ASN B 96 0.08 9.12 14.02
CA ASN B 96 -0.78 10.17 13.52
C ASN B 96 0.07 11.41 13.19
N ALA B 97 -0.15 11.97 12.01
CA ALA B 97 0.66 13.09 11.52
C ALA B 97 0.62 14.31 12.47
N GLN B 98 -0.53 14.59 13.05
CA GLN B 98 -0.61 15.66 14.02
C GLN B 98 0.19 15.43 15.30
N ARG B 99 0.21 14.20 15.80
CA ARG B 99 1.00 13.85 16.98
C ARG B 99 2.50 13.93 16.65
N LEU B 100 2.88 13.44 15.47
CA LEU B 100 4.27 13.54 15.02
C LEU B 100 4.73 15.00 14.92
N PHE B 101 3.83 15.87 14.44
CA PHE B 101 4.13 17.27 14.30
C PHE B 101 4.33 17.87 15.68
N MET B 102 3.35 17.65 16.55
CA MET B 102 3.36 18.17 17.91
C MET B 102 4.53 17.66 18.77
N THR B 103 5.06 16.48 18.50
CA THR B 103 6.19 15.96 19.30
C THR B 103 7.57 16.19 18.65
N GLY B 104 7.58 16.97 17.57
CA GLY B 104 8.80 17.35 16.89
C GLY B 104 9.34 16.33 15.91
N LYS B 105 8.62 15.24 15.70
CA LYS B 105 9.04 14.17 14.75
C LYS B 105 8.84 14.53 13.28
N LEU B 106 7.88 15.41 13.02
CA LEU B 106 7.54 15.81 11.66
C LEU B 106 7.66 17.31 11.54
N LYS B 107 8.50 17.77 10.64
CA LYS B 107 8.64 19.20 10.44
C LYS B 107 7.95 19.58 9.15
N VAL B 108 7.24 20.71 9.18
CA VAL B 108 6.51 21.20 8.01
C VAL B 108 7.01 22.58 7.60
N LYS B 109 7.31 22.77 6.32
CA LYS B 109 7.43 24.14 5.76
C LYS B 109 6.22 24.42 4.86
N GLY B 110 5.63 25.61 4.97
CA GLY B 110 4.41 25.96 4.23
C GLY B 110 3.19 25.73 5.11
N ASN B 111 2.01 25.67 4.50
CA ASN B 111 0.76 25.69 5.26
C ASN B 111 0.42 24.38 5.95
N VAL B 112 0.30 24.45 7.27
CA VAL B 112 0.07 23.29 8.14
C VAL B 112 -1.37 22.76 8.04
N MET B 113 -2.31 23.68 7.81
CA MET B 113 -3.70 23.32 7.59
C MET B 113 -3.84 22.53 6.29
N LYS B 114 -3.30 23.09 5.20
CA LYS B 114 -3.26 22.35 3.92
C LYS B 114 -2.51 21.04 4.08
N ALA B 115 -1.41 21.05 4.84
CA ALA B 115 -0.62 19.84 5.04
C ALA B 115 -1.46 18.69 5.63
N ALA B 116 -2.26 19.02 6.64
CA ALA B 116 -3.15 18.05 7.29
C ALA B 116 -4.15 17.44 6.30
N ALA B 117 -4.74 18.29 5.47
CA ALA B 117 -5.73 17.90 4.47
C ALA B 117 -5.19 16.92 3.42
N ILE B 118 -3.87 16.98 3.17
CA ILE B 118 -3.21 16.16 2.14
C ILE B 118 -3.45 14.65 2.32
N GLU B 119 -3.30 14.17 3.55
CA GLU B 119 -3.52 12.76 3.89
C GLU B 119 -4.80 12.20 3.24
N GLY B 120 -5.94 12.80 3.57
CA GLY B 120 -7.23 12.38 3.03
C GLY B 120 -7.38 12.63 1.54
N ILE B 121 -6.82 13.73 1.03
CA ILE B 121 -6.89 14.05 -0.39
C ILE B 121 -6.05 13.05 -1.21
N LEU B 122 -4.90 12.67 -0.67
CA LEU B 122 -4.03 11.67 -1.30
C LEU B 122 -4.71 10.31 -1.31
N LYS B 123 -5.12 9.84 -0.13
CA LYS B 123 -5.90 8.61 0.02
C LYS B 123 -6.94 8.42 -1.09
N ASN B 124 -7.74 9.45 -1.35
CA ASN B 124 -8.79 9.37 -2.38
C ASN B 124 -8.26 9.22 -3.82
N ALA B 125 -7.20 9.96 -4.15
CA ALA B 125 -6.66 9.95 -5.51
C ALA B 125 -5.90 8.67 -5.86
N GLN B 126 -5.09 8.21 -4.90
CA GLN B 126 -4.26 7.01 -5.03
C GLN B 126 -5.07 5.69 -5.02
N ASN B 127 -6.21 5.69 -4.35
CA ASN B 127 -6.94 4.45 -4.13
C ASN B 127 -7.65 3.92 -5.37
N ASN B 128 -6.91 3.17 -6.19
CA ASN B 128 -7.37 2.74 -7.51
C ASN B 128 -8.08 1.38 -7.58
N LEU B 129 -8.66 0.90 -6.48
CA LEU B 129 -9.39 -0.37 -6.53
C LEU B 129 -10.85 -0.19 -6.93
C1 CIT C . -17.92 -23.90 -0.65
O1 CIT C . -18.67 -23.76 -1.64
O2 CIT C . -18.24 -24.50 0.39
C2 CIT C . -16.54 -23.27 -0.72
C3 CIT C . -15.42 -24.31 -0.77
O7 CIT C . -15.87 -25.59 -1.22
C4 CIT C . -14.33 -23.83 -1.72
C5 CIT C . -14.75 -24.01 -3.16
O3 CIT C . -14.61 -25.13 -3.71
O4 CIT C . -15.23 -23.01 -3.76
C6 CIT C . -14.87 -24.50 0.62
O5 CIT C . -14.09 -25.45 0.84
O6 CIT C . -15.25 -23.71 1.51
C1 PLM D . 3.94 -3.50 -1.19
O1 PLM D . 3.59 -2.66 -0.32
O2 PLM D . 4.93 -3.36 -1.93
C2 PLM D . 3.10 -4.75 -1.36
C3 PLM D . 3.60 -5.85 -0.43
C4 PLM D . 2.44 -6.62 0.19
C5 PLM D . 2.63 -8.12 0.01
C6 PLM D . 1.76 -8.93 0.97
C7 PLM D . 2.37 -10.31 1.26
C8 PLM D . 1.64 -11.40 0.49
C9 PLM D . 1.62 -12.73 1.24
CA PLM D . 0.28 -12.92 1.94
CB PLM D . -0.25 -14.34 1.72
CC PLM D . -0.35 -15.11 3.03
CD PLM D . 0.50 -16.37 3.04
CE PLM D . 1.99 -16.10 2.95
CF PLM D . 2.73 -16.50 4.21
CG PLM D . 3.82 -17.53 3.96
C1 CIT E . 2.40 12.59 27.34
O1 CIT E . 1.73 11.55 27.56
O2 CIT E . 3.56 12.56 26.85
C2 CIT E . 1.71 13.91 27.72
C3 CIT E . 1.46 14.85 26.54
O7 CIT E . 1.10 16.15 27.04
C4 CIT E . 2.71 14.91 25.67
C5 CIT E . 2.87 16.20 24.91
O3 CIT E . 2.65 17.29 25.45
O4 CIT E . 3.26 16.12 23.74
C6 CIT E . 0.26 14.44 25.73
O5 CIT E . -0.22 15.31 24.97
O6 CIT E . -0.23 13.30 25.82
C1 PLM F . 0.31 18.16 9.66
O1 PLM F . -0.81 18.71 9.61
O2 PLM F . 0.98 18.14 10.72
C2 PLM F . 0.91 17.52 8.41
C3 PLM F . 0.15 16.25 8.01
C4 PLM F . 0.74 15.56 6.79
C5 PLM F . -0.30 14.63 6.15
C6 PLM F . 0.24 13.98 4.89
C7 PLM F . 0.24 12.47 5.07
C8 PLM F . 0.89 11.77 3.87
C9 PLM F . 0.75 10.26 3.96
CA PLM F . -0.10 9.74 2.81
CB PLM F . -0.49 8.28 3.00
CC PLM F . -1.99 8.14 3.30
CD PLM F . -2.27 6.97 4.26
CE PLM F . -2.31 7.42 5.72
CF PLM F . -2.69 6.28 6.68
CG PLM F . -3.04 6.82 8.05
#